data_8PM4
#
_entry.id   8PM4
#
_cell.length_a   1.00
_cell.length_b   1.00
_cell.length_c   1.00
_cell.angle_alpha   90.00
_cell.angle_beta   90.00
_cell.angle_gamma   90.00
#
_symmetry.space_group_name_H-M   'P 1'
#
loop_
_entity.id
_entity.type
_entity.pdbx_description
1 polymer Transposase
2 polymer 'crRNA, chain B'
3 polymer 'DNA oligoduplex, target strand, chain C'
4 polymer 'DNA oligoduplex, non-target strand, chain D'
#
loop_
_entity_poly.entity_id
_entity_poly.type
_entity_poly.pdbx_seq_one_letter_code
_entity_poly.pdbx_strand_id
1 'polypeptide(L)'
;SNAGGGGMTRVTVQTAGVHYKWQMPDQLTQQLRLAHDLREDLVTLEYEYEDAVKAVWSSYPAVAALEAQVAELDERASEL
ASTVKEEKSRQRTKRPSHPAVAQLAETRAQLKAAKASRREAIASVRDEATERLRTISDERYAAQKQLYRDYCTDGLLYWA
TFNAVLDHHKTAVKRIAAHRKQGRAAQLRHHRWDGTGTISVQLQRQATDPARTPAIIADADTGKWRSSLIVPWVNPDVWD
TMDRASRRKAGRVVIRMRCGSSRNPDGTKTSEWIDVPVQQHRMLPADADITAAQLTVRREGADLRATIGITAKIPDQGEV
DEGPTIAVHLGWRSSDHGTVVATWRSTEPLDIPETLRGVITTQSAERTVGSIVVPHRIEQRVHHHATVASHRDLAVDSIR
DTLVAWLTEHGPQPHPYDGDPITAASVQRWKAPRRFAWLALQWRDTPPPEGADIAETLEAWRRADKKLWLESEHGRGRAL
RHRTDLHRQVAAYFAGVAGRIVVDDSDIAQIAGTAKHSELLTDVDRQIARRRAIAAPGMLRAAIVAAATRDEVPTTTVSH
TGLSRVHAACGHENPADDRYLMQPVLCDGCGRTYDTDLSATILMLQRASAATSN
;
A
2 'polyribonucleotide' GGGUGUCAACGCCAGCGCGGAGGCGUCAAAUCCGCGACAGUUGACCCAACGUCGCCGG B
3 'polydeoxyribonucleotide'
;(DC)(DC)(DG)(DG)(DC)(DG)(DA)(DC)(DG)(DT)(DT)(DG)(DG)(DG)(DT)(DC)(DA)(DA)(DC)(DT)
(DG)(DA)(DA)(DA)(DT)(DG)(DT)(DC)(DT)(DG)(DT)(DT)(DT)(DC)(DT)(DC)(DA)(DA)(DC)(DA)
(DA)(DA)(DA)(DA)
;
C
4 'polydeoxyribonucleotide'
;(DC)(DC)(DG)(DG)(DC)(DG)(DA)(DC)(DG)(DT)(DT)(DG)(DG)(DG)(DT)(DC)(DA)(DA)(DC)(DT)
(DG)(DA)(DA)(DA)(DC)(DA)(DG)(DA)(DC)(DA)(DT)(DT)(DT)(DC)(DT)(DC)(DA)(DA)(DC)(DA)
(DA)(DA)(DA)(DA)
;
D
#
loop_
_chem_comp.id
_chem_comp.type
_chem_comp.name
_chem_comp.formula
A RNA linking ADENOSINE-5'-MONOPHOSPHATE 'C10 H14 N5 O7 P'
C RNA linking CYTIDINE-5'-MONOPHOSPHATE 'C9 H14 N3 O8 P'
DA DNA linking 2'-DEOXYADENOSINE-5'-MONOPHOSPHATE 'C10 H14 N5 O6 P'
DC DNA linking 2'-DEOXYCYTIDINE-5'-MONOPHOSPHATE 'C9 H14 N3 O7 P'
DG DNA linking 2'-DEOXYGUANOSINE-5'-MONOPHOSPHATE 'C10 H14 N5 O7 P'
DT DNA linking THYMIDINE-5'-MONOPHOSPHATE 'C10 H15 N2 O8 P'
G RNA linking GUANOSINE-5'-MONOPHOSPHATE 'C10 H14 N5 O8 P'
U RNA linking URIDINE-5'-MONOPHOSPHATE 'C9 H13 N2 O9 P'
#
# COMPACT_ATOMS: atom_id res chain seq x y z
N MET A 8 22.66 -14.94 1.45
CA MET A 8 22.88 -14.17 0.24
C MET A 8 21.64 -14.17 -0.62
N THR A 9 20.76 -15.14 -0.39
CA THR A 9 19.44 -15.09 -1.01
C THR A 9 18.51 -14.18 -0.23
N ARG A 10 18.57 -14.25 1.09
CA ARG A 10 17.56 -13.62 1.94
C ARG A 10 17.89 -12.15 2.11
N VAL A 11 17.03 -11.28 1.59
CA VAL A 11 17.20 -9.85 1.68
C VAL A 11 16.45 -9.35 2.90
N THR A 12 17.04 -8.37 3.60
CA THR A 12 16.38 -7.68 4.69
C THR A 12 16.62 -6.20 4.53
N VAL A 13 15.97 -5.42 5.37
CA VAL A 13 16.10 -3.97 5.39
C VAL A 13 16.16 -3.52 6.83
N GLN A 14 17.30 -2.98 7.24
CA GLN A 14 17.47 -2.45 8.58
C GLN A 14 17.12 -0.96 8.57
N THR A 15 16.08 -0.60 9.30
CA THR A 15 15.53 0.75 9.28
C THR A 15 15.99 1.53 10.49
N ALA A 16 16.46 2.75 10.26
CA ALA A 16 16.82 3.69 11.31
C ALA A 16 15.92 4.91 11.18
N GLY A 17 15.51 5.47 12.31
CA GLY A 17 14.52 6.51 12.33
C GLY A 17 15.12 7.89 12.50
N VAL A 18 14.96 8.73 11.47
CA VAL A 18 15.61 10.03 11.48
C VAL A 18 15.05 10.89 12.61
N HIS A 19 15.93 11.67 13.24
CA HIS A 19 15.52 12.56 14.31
C HIS A 19 14.41 13.49 13.86
N TYR A 20 13.39 13.67 14.69
CA TYR A 20 12.27 14.51 14.29
C TYR A 20 12.64 15.98 14.29
N LYS A 21 13.55 16.41 15.17
CA LYS A 21 14.00 17.80 15.19
C LYS A 21 14.87 18.16 14.00
N TRP A 22 15.28 17.17 13.20
CA TRP A 22 16.14 17.46 12.08
C TRP A 22 15.41 18.30 11.05
N GLN A 23 15.97 19.45 10.75
CA GLN A 23 15.42 20.30 9.70
C GLN A 23 15.91 19.79 8.37
N MET A 24 15.01 19.25 7.56
CA MET A 24 15.40 18.65 6.30
C MET A 24 16.07 19.70 5.43
N PRO A 25 17.30 19.49 5.01
CA PRO A 25 18.00 20.52 4.25
C PRO A 25 17.36 20.71 2.88
N ASP A 26 17.67 21.84 2.27
CA ASP A 26 17.10 22.12 0.96
C ASP A 26 17.53 21.08 -0.06
N GLN A 27 18.72 20.49 0.12
CA GLN A 27 19.20 19.50 -0.83
C GLN A 27 18.31 18.26 -0.84
N LEU A 28 17.92 17.79 0.34
CA LEU A 28 17.07 16.59 0.42
C LEU A 28 15.72 16.84 -0.22
N THR A 29 15.10 17.98 0.08
CA THR A 29 13.79 18.27 -0.50
C THR A 29 13.88 18.47 -2.00
N GLN A 30 14.94 19.10 -2.49
CA GLN A 30 15.11 19.26 -3.93
C GLN A 30 15.30 17.92 -4.61
N GLN A 31 16.04 17.00 -3.99
CA GLN A 31 16.18 15.67 -4.56
C GLN A 31 14.85 14.93 -4.58
N LEU A 32 14.07 15.03 -3.50
CA LEU A 32 12.77 14.38 -3.48
C LEU A 32 11.86 14.93 -4.56
N ARG A 33 11.85 16.25 -4.73
CA ARG A 33 11.06 16.85 -5.79
C ARG A 33 11.54 16.44 -7.17
N LEU A 34 12.86 16.33 -7.37
CA LEU A 34 13.36 15.87 -8.66
C LEU A 34 12.91 14.45 -8.95
N ALA A 35 12.93 13.57 -7.94
CA ALA A 35 12.46 12.20 -8.13
C ALA A 35 10.98 12.18 -8.46
N HIS A 36 10.19 13.01 -7.78
CA HIS A 36 8.76 13.11 -8.07
C HIS A 36 8.52 13.55 -9.52
N ASP A 37 9.19 14.62 -9.93
CA ASP A 37 9.02 15.12 -11.28
C ASP A 37 9.48 14.09 -12.31
N LEU A 38 10.55 13.36 -12.00
CA LEU A 38 10.99 12.31 -12.91
C LEU A 38 9.94 11.23 -13.07
N ARG A 39 9.33 10.81 -11.96
CA ARG A 39 8.30 9.79 -12.06
C ARG A 39 7.14 10.26 -12.91
N GLU A 40 6.73 11.52 -12.73
CA GLU A 40 5.64 12.05 -13.54
C GLU A 40 6.02 12.15 -15.00
N ASP A 41 7.26 12.51 -15.31
CA ASP A 41 7.68 12.56 -16.69
C ASP A 41 7.69 11.17 -17.31
N LEU A 42 8.07 10.16 -16.53
CA LEU A 42 8.01 8.78 -17.02
C LEU A 42 6.59 8.33 -17.24
N VAL A 43 5.68 8.76 -16.38
CA VAL A 43 4.26 8.43 -16.55
C VAL A 43 3.72 9.04 -17.83
N THR A 44 4.06 10.30 -18.09
CA THR A 44 3.63 10.92 -19.34
C THR A 44 4.25 10.20 -20.54
N LEU A 45 5.49 9.75 -20.43
CA LEU A 45 6.08 8.95 -21.50
C LEU A 45 5.31 7.66 -21.73
N GLU A 46 4.86 7.02 -20.65
CA GLU A 46 4.08 5.79 -20.81
C GLU A 46 2.73 6.08 -21.46
N TYR A 47 2.09 7.19 -21.09
CA TYR A 47 0.84 7.55 -21.76
C TYR A 47 1.06 7.76 -23.25
N GLU A 48 2.13 8.48 -23.60
CA GLU A 48 2.42 8.74 -25.00
C GLU A 48 2.95 7.53 -25.72
N TYR A 49 3.34 6.48 -25.01
CA TYR A 49 3.68 5.20 -25.62
C TYR A 49 2.44 4.34 -25.84
N GLU A 50 1.52 4.33 -24.87
CA GLU A 50 0.26 3.62 -25.04
C GLU A 50 -0.53 4.20 -26.20
N ASP A 51 -0.53 5.53 -26.32
CA ASP A 51 -1.25 6.12 -27.45
C ASP A 51 -0.66 5.68 -28.78
N ALA A 52 0.67 5.64 -28.88
CA ALA A 52 1.31 5.22 -30.12
C ALA A 52 1.02 3.75 -30.42
N VAL A 53 1.05 2.90 -29.40
CA VAL A 53 0.81 1.48 -29.63
C VAL A 53 -0.66 1.23 -29.99
N LYS A 54 -1.57 1.96 -29.38
CA LYS A 54 -2.97 1.86 -29.78
C LYS A 54 -3.15 2.32 -31.21
N ALA A 55 -2.44 3.36 -31.62
CA ALA A 55 -2.54 3.83 -33.01
C ALA A 55 -1.99 2.79 -33.98
N VAL A 56 -0.84 2.17 -33.65
CA VAL A 56 -0.30 1.19 -34.57
C VAL A 56 -1.19 -0.05 -34.64
N TRP A 57 -1.89 -0.37 -33.56
CA TRP A 57 -2.89 -1.44 -33.66
C TRP A 57 -4.07 -1.02 -34.52
N SER A 58 -4.58 0.19 -34.30
CA SER A 58 -5.72 0.69 -35.07
C SER A 58 -5.39 0.91 -36.53
N SER A 59 -4.12 0.92 -36.90
CA SER A 59 -3.76 1.13 -38.30
C SER A 59 -4.30 0.02 -39.19
N TYR A 60 -4.28 -1.21 -38.71
CA TYR A 60 -4.75 -2.32 -39.51
C TYR A 60 -6.27 -2.32 -39.58
N PRO A 61 -6.86 -2.42 -40.77
CA PRO A 61 -8.31 -2.16 -40.90
C PRO A 61 -9.20 -3.12 -40.11
N ALA A 62 -8.79 -4.38 -39.99
CA ALA A 62 -9.63 -5.34 -39.25
C ALA A 62 -9.76 -4.93 -37.80
N VAL A 63 -8.65 -4.52 -37.17
CA VAL A 63 -8.71 -4.07 -35.78
C VAL A 63 -9.57 -2.81 -35.68
N ALA A 64 -9.52 -1.96 -36.70
CA ALA A 64 -10.35 -0.75 -36.68
C ALA A 64 -11.83 -1.12 -36.70
N ALA A 65 -12.22 -2.08 -37.54
CA ALA A 65 -13.62 -2.50 -37.57
C ALA A 65 -14.04 -3.09 -36.24
N LEU A 66 -13.20 -3.94 -35.65
CA LEU A 66 -13.52 -4.53 -34.36
C LEU A 66 -13.63 -3.46 -33.28
N GLU A 67 -12.75 -2.46 -33.31
CA GLU A 67 -12.81 -1.39 -32.33
C GLU A 67 -14.07 -0.56 -32.50
N ALA A 68 -14.52 -0.36 -33.74
CA ALA A 68 -15.79 0.32 -33.96
C ALA A 68 -16.95 -0.46 -33.36
N GLN A 69 -16.96 -1.78 -33.56
CA GLN A 69 -17.99 -2.61 -32.95
C GLN A 69 -17.95 -2.52 -31.44
N VAL A 70 -16.74 -2.56 -30.88
CA VAL A 70 -16.57 -2.44 -29.44
C VAL A 70 -17.12 -1.10 -28.96
N ALA A 71 -16.86 -0.03 -29.71
CA ALA A 71 -17.34 1.29 -29.31
C ALA A 71 -18.86 1.36 -29.31
N GLU A 72 -19.49 0.80 -30.35
CA GLU A 72 -20.96 0.80 -30.40
C GLU A 72 -21.54 0.03 -29.22
N LEU A 73 -20.99 -1.15 -28.96
CA LEU A 73 -21.44 -1.93 -27.81
C LEU A 73 -21.19 -1.18 -26.51
N ASP A 74 -20.08 -0.46 -26.42
CA ASP A 74 -19.77 0.33 -25.24
C ASP A 74 -20.83 1.39 -25.00
N GLU A 75 -21.23 2.09 -26.07
CA GLU A 75 -22.26 3.13 -25.93
C GLU A 75 -23.57 2.53 -25.46
N ARG A 76 -23.99 1.43 -26.10
CA ARG A 76 -25.25 0.80 -25.71
C ARG A 76 -25.20 0.31 -24.27
N ALA A 77 -24.08 -0.30 -23.88
CA ALA A 77 -23.94 -0.80 -22.52
C ALA A 77 -23.94 0.33 -21.51
N SER A 78 -23.33 1.47 -21.85
CA SER A 78 -23.35 2.61 -20.94
C SER A 78 -24.77 3.12 -20.75
N GLU A 79 -25.54 3.18 -21.84
CA GLU A 79 -26.94 3.57 -21.71
C GLU A 79 -27.71 2.61 -20.81
N LEU A 80 -27.53 1.31 -21.02
CA LEU A 80 -28.25 0.33 -20.22
C LEU A 80 -27.81 0.35 -18.76
N ALA A 81 -26.52 0.58 -18.51
CA ALA A 81 -26.04 0.65 -17.13
C ALA A 81 -26.59 1.88 -16.43
N SER A 82 -26.69 3.00 -17.14
CA SER A 82 -27.36 4.16 -16.56
C SER A 82 -28.81 3.83 -16.23
N THR A 83 -29.48 3.09 -17.12
CA THR A 83 -30.86 2.69 -16.88
C THR A 83 -30.96 1.83 -15.61
N VAL A 84 -30.06 0.86 -15.46
CA VAL A 84 -30.17 -0.05 -14.32
C VAL A 84 -29.80 0.66 -13.02
N LYS A 85 -28.88 1.62 -13.07
CA LYS A 85 -28.61 2.41 -11.87
C LYS A 85 -29.82 3.25 -11.49
N GLU A 86 -30.51 3.82 -12.48
CA GLU A 86 -31.73 4.54 -12.18
C GLU A 86 -32.76 3.61 -11.55
N GLU A 87 -32.88 2.38 -12.06
CA GLU A 87 -33.84 1.43 -11.52
C GLU A 87 -33.48 1.00 -10.11
N LYS A 88 -32.19 0.82 -9.84
CA LYS A 88 -31.74 0.55 -8.48
C LYS A 88 -32.14 1.67 -7.54
N SER A 89 -31.97 2.91 -7.98
CA SER A 89 -32.41 4.03 -7.16
C SER A 89 -33.92 4.01 -6.95
N ARG A 90 -34.67 3.71 -8.01
CA ARG A 90 -36.13 3.69 -7.91
C ARG A 90 -36.60 2.56 -7.00
N GLN A 91 -36.11 1.34 -7.24
CA GLN A 91 -36.46 0.18 -6.44
C GLN A 91 -35.32 -0.12 -5.48
N ARG A 92 -35.58 0.05 -4.19
CA ARG A 92 -34.55 0.05 -3.17
C ARG A 92 -34.03 -1.38 -2.96
N THR A 93 -33.51 -1.96 -4.04
CA THR A 93 -33.37 -3.40 -4.06
C THR A 93 -32.01 -3.91 -4.52
N LYS A 94 -31.21 -3.06 -5.16
CA LYS A 94 -29.85 -3.45 -5.58
C LYS A 94 -29.90 -4.52 -6.67
N ARG A 95 -31.10 -5.01 -6.99
CA ARG A 95 -31.34 -5.97 -8.07
C ARG A 95 -32.59 -5.49 -8.81
N PRO A 96 -32.41 -4.71 -9.87
CA PRO A 96 -33.50 -3.83 -10.35
C PRO A 96 -34.79 -4.54 -10.74
N SER A 97 -34.74 -5.77 -11.25
CA SER A 97 -35.90 -6.50 -11.75
C SER A 97 -36.53 -5.86 -12.99
N HIS A 98 -35.80 -5.02 -13.69
CA HIS A 98 -36.25 -4.39 -14.93
C HIS A 98 -35.80 -5.21 -16.13
N PRO A 99 -36.48 -5.06 -17.28
CA PRO A 99 -35.94 -5.66 -18.51
C PRO A 99 -34.55 -5.16 -18.85
N ALA A 100 -34.21 -3.96 -18.39
CA ALA A 100 -32.88 -3.42 -18.62
C ALA A 100 -31.80 -4.32 -18.03
N VAL A 101 -32.12 -5.07 -16.98
CA VAL A 101 -31.12 -5.95 -16.37
C VAL A 101 -30.68 -7.03 -17.36
N ALA A 102 -31.65 -7.73 -17.93
CA ALA A 102 -31.33 -8.76 -18.91
C ALA A 102 -30.72 -8.15 -20.16
N GLN A 103 -31.23 -6.99 -20.58
CA GLN A 103 -30.65 -6.32 -21.74
C GLN A 103 -29.18 -5.98 -21.52
N LEU A 104 -28.86 -5.46 -20.33
CA LEU A 104 -27.47 -5.13 -20.01
C LEU A 104 -26.62 -6.38 -19.93
N ALA A 105 -27.13 -7.46 -19.35
CA ALA A 105 -26.35 -8.69 -19.29
C ALA A 105 -26.00 -9.19 -20.69
N GLU A 106 -26.99 -9.24 -21.57
CA GLU A 106 -26.74 -9.69 -22.93
C GLU A 106 -25.78 -8.75 -23.66
N THR A 107 -25.95 -7.44 -23.47
CA THR A 107 -25.08 -6.48 -24.14
C THR A 107 -23.65 -6.60 -23.63
N ARG A 108 -23.47 -6.82 -22.33
CA ARG A 108 -22.13 -6.99 -21.78
C ARG A 108 -21.48 -8.26 -22.29
N ALA A 109 -22.24 -9.35 -22.39
CA ALA A 109 -21.67 -10.57 -22.94
C ALA A 109 -21.25 -10.38 -24.39
N GLN A 110 -22.09 -9.71 -25.19
CA GLN A 110 -21.75 -9.46 -26.58
C GLN A 110 -20.53 -8.54 -26.69
N LEU A 111 -20.47 -7.53 -25.82
CA LEU A 111 -19.32 -6.63 -25.80
C LEU A 111 -18.04 -7.35 -25.43
N LYS A 112 -18.12 -8.25 -24.45
CA LYS A 112 -16.96 -9.05 -24.06
C LYS A 112 -16.49 -9.91 -25.21
N ALA A 113 -17.42 -10.53 -25.93
CA ALA A 113 -17.06 -11.32 -27.11
C ALA A 113 -16.42 -10.44 -28.19
N ALA A 114 -16.94 -9.22 -28.35
CA ALA A 114 -16.36 -8.30 -29.33
C ALA A 114 -14.93 -7.94 -28.95
N LYS A 115 -14.70 -7.66 -27.67
CA LYS A 115 -13.35 -7.32 -27.22
C LYS A 115 -12.40 -8.50 -27.41
N ALA A 116 -12.86 -9.71 -27.12
CA ALA A 116 -12.04 -10.89 -27.36
C ALA A 116 -11.73 -11.07 -28.84
N SER A 117 -12.71 -10.78 -29.70
CA SER A 117 -12.47 -10.87 -31.14
C SER A 117 -11.42 -9.87 -31.59
N ARG A 118 -11.51 -8.64 -31.09
CA ARG A 118 -10.50 -7.62 -31.39
C ARG A 118 -9.13 -8.06 -30.90
N ARG A 119 -9.07 -8.64 -29.70
CA ARG A 119 -7.80 -9.08 -29.13
C ARG A 119 -7.19 -10.20 -29.96
N GLU A 120 -8.01 -11.14 -30.43
CA GLU A 120 -7.51 -12.20 -31.29
C GLU A 120 -6.99 -11.65 -32.61
N ALA A 121 -7.70 -10.67 -33.18
CA ALA A 121 -7.22 -10.04 -34.40
C ALA A 121 -5.87 -9.36 -34.17
N ILE A 122 -5.72 -8.67 -33.05
CA ILE A 122 -4.45 -8.03 -32.71
C ILE A 122 -3.35 -9.07 -32.60
N ALA A 123 -3.63 -10.18 -31.89
CA ALA A 123 -2.62 -11.22 -31.75
C ALA A 123 -2.24 -11.80 -33.10
N SER A 124 -3.20 -11.94 -34.01
CA SER A 124 -2.89 -12.45 -35.34
C SER A 124 -1.99 -11.48 -36.09
N VAL A 125 -2.25 -10.18 -35.96
CA VAL A 125 -1.53 -9.20 -36.79
C VAL A 125 -0.27 -8.71 -36.10
N ARG A 126 0.04 -9.22 -34.91
CA ARG A 126 1.17 -8.71 -34.15
C ARG A 126 2.48 -8.88 -34.91
N ASP A 127 2.70 -10.06 -35.48
CA ASP A 127 3.98 -10.32 -36.16
C ASP A 127 4.19 -9.41 -37.36
N GLU A 128 3.10 -9.02 -38.02
CA GLU A 128 3.23 -8.11 -39.17
C GLU A 128 3.67 -6.72 -38.73
N ALA A 129 3.32 -6.33 -37.50
CA ALA A 129 3.67 -5.03 -36.97
C ALA A 129 4.81 -5.09 -35.96
N THR A 130 5.65 -6.13 -36.03
CA THR A 130 6.73 -6.28 -35.05
C THR A 130 7.73 -5.13 -35.16
N GLU A 131 8.08 -4.73 -36.38
CA GLU A 131 9.07 -3.67 -36.55
C GLU A 131 8.57 -2.33 -36.00
N ARG A 132 7.30 -2.01 -36.26
CA ARG A 132 6.76 -0.74 -35.77
C ARG A 132 6.67 -0.72 -34.25
N LEU A 133 6.24 -1.83 -33.65
CA LEU A 133 6.21 -1.91 -32.19
C LEU A 133 7.62 -1.79 -31.61
N ARG A 134 8.59 -2.42 -32.25
CA ARG A 134 9.96 -2.33 -31.79
C ARG A 134 10.47 -0.89 -31.87
N THR A 135 10.13 -0.19 -32.95
CA THR A 135 10.55 1.21 -33.08
C THR A 135 9.90 2.09 -32.02
N ILE A 136 8.62 1.85 -31.71
CA ILE A 136 7.97 2.63 -30.66
C ILE A 136 8.62 2.36 -29.31
N SER A 137 8.96 1.10 -29.03
CA SER A 137 9.65 0.77 -27.79
C SER A 137 11.03 1.43 -27.75
N ASP A 138 11.74 1.44 -28.88
CA ASP A 138 13.03 2.11 -28.94
C ASP A 138 12.91 3.60 -28.69
N GLU A 139 11.85 4.22 -29.23
CA GLU A 139 11.61 5.63 -28.96
C GLU A 139 11.39 5.87 -27.48
N ARG A 140 10.63 4.99 -26.82
CA ARG A 140 10.44 5.15 -25.38
C ARG A 140 11.77 5.00 -24.64
N TYR A 141 12.59 4.02 -25.02
CA TYR A 141 13.85 3.82 -24.32
C TYR A 141 14.79 5.00 -24.51
N ALA A 142 14.87 5.53 -25.72
CA ALA A 142 15.72 6.69 -25.97
C ALA A 142 15.19 7.92 -25.26
N ALA A 143 13.87 8.03 -25.13
CA ALA A 143 13.30 9.11 -24.35
C ALA A 143 13.67 8.96 -22.87
N GLN A 144 13.76 7.72 -22.39
CA GLN A 144 14.19 7.51 -21.01
C GLN A 144 15.67 7.84 -20.83
N LYS A 145 16.50 7.54 -21.83
CA LYS A 145 17.91 7.94 -21.76
C LYS A 145 18.04 9.45 -21.78
N GLN A 146 17.27 10.13 -22.61
CA GLN A 146 17.27 11.59 -22.59
C GLN A 146 16.75 12.13 -21.27
N LEU A 147 15.79 11.44 -20.65
CA LEU A 147 15.37 11.83 -19.31
C LEU A 147 16.51 11.71 -18.32
N TYR A 148 17.31 10.66 -18.48
CA TYR A 148 18.49 10.52 -17.63
C TYR A 148 19.43 11.69 -17.80
N ARG A 149 19.70 12.07 -19.06
CA ARG A 149 20.59 13.21 -19.31
C ARG A 149 19.98 14.50 -18.78
N ASP A 150 18.68 14.69 -18.91
CA ASP A 150 18.03 15.88 -18.39
C ASP A 150 18.15 15.96 -16.88
N TYR A 151 17.97 14.85 -16.19
CA TYR A 151 17.92 14.85 -14.74
C TYR A 151 19.24 14.49 -14.08
N CYS A 152 20.11 13.75 -14.75
CA CYS A 152 21.32 13.25 -14.11
C CYS A 152 22.61 13.87 -14.64
N THR A 153 22.86 13.78 -15.94
CA THR A 153 24.09 14.33 -16.48
C THR A 153 24.14 15.84 -16.30
N ASP A 154 22.99 16.51 -16.37
CA ASP A 154 22.91 17.95 -16.29
C ASP A 154 21.97 18.44 -15.20
N GLY A 155 21.49 17.56 -14.33
CA GLY A 155 20.31 17.93 -13.57
C GLY A 155 20.26 17.65 -12.08
N LEU A 156 21.39 17.49 -11.42
CA LEU A 156 21.45 17.49 -9.96
C LEU A 156 20.69 16.33 -9.33
N LEU A 157 20.21 15.36 -10.08
CA LEU A 157 19.56 14.20 -9.50
C LEU A 157 20.56 13.05 -9.46
N TYR A 158 20.83 12.56 -8.25
CA TYR A 158 21.82 11.50 -8.08
C TYR A 158 21.39 10.27 -8.85
N TRP A 159 22.31 9.69 -9.62
CA TRP A 159 21.94 8.61 -10.51
C TRP A 159 21.36 7.43 -9.76
N ALA A 160 21.65 7.30 -8.47
CA ALA A 160 21.06 6.21 -7.70
C ALA A 160 19.57 6.44 -7.51
N THR A 161 19.15 7.66 -7.18
CA THR A 161 17.73 7.97 -7.09
C THR A 161 17.04 7.79 -8.42
N PHE A 162 17.68 8.24 -9.49
CA PHE A 162 17.10 8.06 -10.82
C PHE A 162 16.92 6.59 -11.14
N ASN A 163 17.92 5.78 -10.86
CA ASN A 163 17.82 4.37 -11.17
C ASN A 163 16.78 3.68 -10.30
N ALA A 164 16.66 4.08 -9.04
CA ALA A 164 15.62 3.51 -8.19
C ALA A 164 14.24 3.84 -8.73
N VAL A 165 14.00 5.10 -9.06
CA VAL A 165 12.67 5.49 -9.55
C VAL A 165 12.38 4.82 -10.88
N LEU A 166 13.36 4.76 -11.78
CA LEU A 166 13.11 4.17 -13.08
C LEU A 166 12.88 2.67 -12.98
N ASP A 167 13.61 1.98 -12.09
CA ASP A 167 13.39 0.55 -11.92
C ASP A 167 12.04 0.27 -11.29
N HIS A 168 11.64 1.06 -10.29
CA HIS A 168 10.31 0.91 -9.72
C HIS A 168 9.23 1.14 -10.77
N HIS A 169 9.40 2.17 -11.59
CA HIS A 169 8.40 2.46 -12.62
C HIS A 169 8.34 1.35 -13.66
N LYS A 170 9.49 0.81 -14.08
CA LYS A 170 9.47 -0.27 -15.07
C LYS A 170 8.81 -1.51 -14.51
N THR A 171 9.05 -1.81 -13.23
CA THR A 171 8.32 -2.91 -12.59
C THR A 171 6.82 -2.63 -12.58
N ALA A 172 6.42 -1.39 -12.29
CA ALA A 172 5.00 -1.05 -12.25
C ALA A 172 4.35 -1.21 -13.62
N VAL A 173 5.03 -0.79 -14.68
CA VAL A 173 4.42 -0.95 -16.01
C VAL A 173 4.38 -2.41 -16.41
N LYS A 174 5.39 -3.19 -16.02
CA LYS A 174 5.31 -4.63 -16.28
C LYS A 174 4.09 -5.25 -15.59
N ARG A 175 3.85 -4.86 -14.35
CA ARG A 175 2.72 -5.44 -13.63
C ARG A 175 1.39 -4.94 -14.16
N ILE A 176 1.34 -3.71 -14.66
CA ILE A 176 0.11 -3.22 -15.27
C ILE A 176 -0.17 -3.96 -16.57
N ALA A 177 0.88 -4.23 -17.37
CA ALA A 177 0.69 -5.01 -18.58
C ALA A 177 0.23 -6.43 -18.25
N ALA A 178 0.77 -7.02 -17.18
CA ALA A 178 0.33 -8.34 -16.77
C ALA A 178 -1.12 -8.32 -16.30
N HIS A 179 -1.51 -7.30 -15.53
CA HIS A 179 -2.89 -7.18 -15.09
C HIS A 179 -3.83 -7.06 -16.27
N ARG A 180 -3.48 -6.26 -17.26
CA ARG A 180 -4.38 -6.12 -18.40
C ARG A 180 -4.30 -7.30 -19.35
N LYS A 181 -3.29 -8.16 -19.21
CA LYS A 181 -3.34 -9.44 -19.93
C LYS A 181 -4.44 -10.34 -19.37
N GLN A 182 -4.67 -10.29 -18.07
CA GLN A 182 -5.72 -11.08 -17.43
C GLN A 182 -7.10 -10.49 -17.63
N GLY A 183 -7.20 -9.30 -18.23
CA GLY A 183 -8.49 -8.67 -18.41
C GLY A 183 -9.00 -7.98 -17.16
N ARG A 184 -8.20 -7.08 -16.60
CA ARG A 184 -8.59 -6.28 -15.47
C ARG A 184 -8.18 -4.83 -15.71
N ALA A 185 -8.91 -3.90 -15.11
CA ALA A 185 -8.58 -2.49 -15.25
C ALA A 185 -7.27 -2.19 -14.54
N ALA A 186 -6.35 -1.54 -15.25
CA ALA A 186 -5.06 -1.17 -14.67
C ALA A 186 -4.43 -0.10 -15.54
N GLN A 187 -4.17 1.07 -14.96
CA GLN A 187 -3.53 2.14 -15.70
C GLN A 187 -2.77 3.04 -14.73
N LEU A 188 -1.66 3.60 -15.21
CA LEU A 188 -0.85 4.50 -14.40
C LEU A 188 -1.60 5.80 -14.11
N ARG A 189 -1.40 6.33 -12.91
CA ARG A 189 -2.04 7.55 -12.47
C ARG A 189 -0.99 8.54 -12.00
N HIS A 190 -1.38 9.81 -11.93
CA HIS A 190 -0.51 10.85 -11.42
C HIS A 190 -0.75 11.05 -9.93
N HIS A 191 0.25 11.59 -9.26
CA HIS A 191 0.11 12.00 -7.87
C HIS A 191 0.55 13.44 -7.72
N ARG A 192 -0.05 14.12 -6.75
CA ARG A 192 0.26 15.50 -6.45
C ARG A 192 1.42 15.53 -5.47
N TRP A 193 2.36 16.45 -5.69
CA TRP A 193 3.51 16.56 -4.82
C TRP A 193 3.06 16.78 -3.38
N ASP A 194 3.60 16.00 -2.47
CA ASP A 194 3.15 16.00 -1.09
C ASP A 194 4.26 16.29 -0.10
N GLY A 195 5.51 16.45 -0.55
CA GLY A 195 6.62 16.51 0.37
C GLY A 195 7.12 15.16 0.82
N THR A 196 6.66 14.08 0.20
CA THR A 196 7.06 12.73 0.53
C THR A 196 7.76 12.11 -0.66
N GLY A 197 8.51 11.04 -0.41
CA GLY A 197 9.22 10.37 -1.48
C GLY A 197 10.34 9.52 -0.92
N THR A 198 11.30 9.21 -1.78
CA THR A 198 12.45 8.43 -1.35
C THR A 198 13.65 8.77 -2.24
N ILE A 199 14.83 8.83 -1.63
CA ILE A 199 16.08 8.97 -2.36
C ILE A 199 16.92 7.74 -2.07
N SER A 200 17.85 7.43 -2.97
CA SER A 200 18.52 6.14 -2.91
C SER A 200 20.02 6.30 -3.10
N VAL A 201 20.74 5.26 -2.70
CA VAL A 201 22.18 5.16 -2.89
C VAL A 201 22.48 3.70 -3.17
N GLN A 202 23.04 3.42 -4.33
CA GLN A 202 23.40 2.06 -4.70
C GLN A 202 24.89 1.88 -4.50
N LEU A 203 25.26 0.96 -3.62
CA LEU A 203 26.65 0.60 -3.44
C LEU A 203 27.01 -0.51 -4.42
N GLN A 204 27.80 -0.20 -5.42
CA GLN A 204 28.13 -1.14 -6.47
C GLN A 204 29.30 -2.00 -6.06
N ARG A 205 29.13 -3.32 -6.16
CA ARG A 205 30.21 -4.26 -5.88
C ARG A 205 30.57 -4.96 -7.18
N GLN A 206 31.69 -4.59 -7.76
CA GLN A 206 32.13 -5.18 -9.01
C GLN A 206 32.78 -6.53 -8.71
N ALA A 207 33.28 -7.19 -9.75
CA ALA A 207 34.08 -8.39 -9.54
C ALA A 207 35.41 -8.00 -8.90
N THR A 208 35.93 -8.89 -8.06
CA THR A 208 37.14 -8.65 -7.29
C THR A 208 37.02 -7.48 -6.32
N ASP A 209 35.82 -7.25 -5.78
CA ASP A 209 35.63 -6.28 -4.72
C ASP A 209 35.23 -6.96 -3.43
N PRO A 210 35.63 -6.42 -2.29
CA PRO A 210 35.24 -7.04 -1.02
C PRO A 210 33.75 -6.90 -0.78
N ALA A 211 33.23 -7.80 0.04
CA ALA A 211 31.81 -7.75 0.38
C ALA A 211 31.49 -6.46 1.11
N ARG A 212 30.30 -5.94 0.86
CA ARG A 212 29.87 -4.67 1.44
C ARG A 212 29.35 -4.87 2.85
N THR A 213 30.19 -5.46 3.69
CA THR A 213 29.79 -5.80 5.04
C THR A 213 29.59 -4.55 5.88
N PRO A 214 28.82 -4.62 6.96
CA PRO A 214 28.58 -3.44 7.78
C PRO A 214 29.84 -2.84 8.36
N ALA A 215 30.89 -3.64 8.58
CA ALA A 215 32.13 -3.10 9.11
C ALA A 215 32.87 -2.28 8.06
N ILE A 216 32.84 -2.72 6.79
CA ILE A 216 33.42 -1.92 5.72
C ILE A 216 32.65 -0.62 5.56
N ILE A 217 31.33 -0.68 5.60
CA ILE A 217 30.51 0.51 5.41
C ILE A 217 30.68 1.48 6.56
N ALA A 218 30.81 0.98 7.79
CA ALA A 218 30.97 1.85 8.94
C ALA A 218 32.32 2.55 8.96
N ASP A 219 33.28 2.10 8.16
CA ASP A 219 34.61 2.65 8.15
C ASP A 219 34.59 3.97 7.39
N ALA A 220 34.50 5.08 8.13
CA ALA A 220 34.32 6.40 7.55
C ALA A 220 35.59 6.98 6.96
N ASP A 221 36.74 6.36 7.20
CA ASP A 221 38.02 6.94 6.83
C ASP A 221 38.64 6.26 5.61
N THR A 222 38.58 4.94 5.53
CA THR A 222 39.18 4.21 4.42
C THR A 222 38.20 3.28 3.71
N GLY A 223 36.93 3.26 4.12
CA GLY A 223 35.98 2.35 3.51
C GLY A 223 35.84 2.61 2.03
N LYS A 224 35.63 1.53 1.27
CA LYS A 224 35.59 1.64 -0.17
C LYS A 224 34.38 2.41 -0.67
N TRP A 225 33.38 2.65 0.18
CA TRP A 225 32.13 3.28 -0.21
C TRP A 225 31.85 4.48 0.68
N ARG A 226 32.89 5.21 1.07
CA ARG A 226 32.68 6.41 1.88
C ARG A 226 31.91 7.46 1.10
N SER A 227 32.23 7.61 -0.18
CA SER A 227 31.63 8.67 -0.98
C SER A 227 30.11 8.52 -1.05
N SER A 228 29.62 7.30 -0.97
CA SER A 228 28.18 7.07 -1.03
C SER A 228 27.56 7.06 0.35
N LEU A 229 28.00 6.15 1.22
CA LEU A 229 27.26 5.86 2.43
C LEU A 229 28.21 5.56 3.57
N ILE A 230 27.84 5.97 4.77
CA ILE A 230 28.60 5.71 6.00
C ILE A 230 27.60 5.47 7.11
N VAL A 231 27.44 4.22 7.52
CA VAL A 231 26.47 3.85 8.53
C VAL A 231 27.22 3.34 9.75
N PRO A 232 27.13 4.00 10.90
CA PRO A 232 27.78 3.47 12.09
C PRO A 232 27.24 2.10 12.46
N TRP A 233 28.12 1.22 12.93
CA TRP A 233 27.78 -0.17 13.15
C TRP A 233 28.49 -0.71 14.37
N VAL A 234 27.74 -1.42 15.20
CA VAL A 234 28.27 -2.18 16.34
C VAL A 234 28.01 -3.65 16.04
N ASN A 235 28.95 -4.50 16.41
CA ASN A 235 28.76 -5.91 16.19
C ASN A 235 27.54 -6.38 16.96
N PRO A 236 26.60 -7.08 16.32
CA PRO A 236 25.37 -7.46 17.03
C PRO A 236 25.62 -8.31 18.25
N ASP A 237 26.72 -9.06 18.29
CA ASP A 237 27.08 -9.77 19.52
C ASP A 237 27.32 -8.79 20.66
N VAL A 238 28.04 -7.71 20.39
CA VAL A 238 28.20 -6.65 21.38
C VAL A 238 26.89 -5.90 21.56
N TRP A 239 26.14 -5.72 20.47
CA TRP A 239 24.99 -4.83 20.49
C TRP A 239 23.86 -5.36 21.36
N ASP A 240 23.55 -6.65 21.24
CA ASP A 240 22.38 -7.20 21.91
C ASP A 240 22.62 -7.33 23.42
N THR A 241 23.86 -7.50 23.83
CA THR A 241 24.15 -7.71 25.24
C THR A 241 23.81 -6.49 26.08
N MET A 242 24.09 -5.30 25.56
CA MET A 242 23.98 -4.10 26.38
C MET A 242 22.51 -3.78 26.67
N ASP A 243 22.34 -2.81 27.57
CA ASP A 243 21.03 -2.43 28.07
C ASP A 243 20.19 -1.80 26.96
N ARG A 244 18.92 -1.55 27.28
CA ARG A 244 18.08 -0.80 26.36
C ARG A 244 18.49 0.66 26.28
N ALA A 245 18.78 1.28 27.44
CA ALA A 245 19.21 2.68 27.44
C ALA A 245 20.56 2.85 26.75
N SER A 246 21.48 1.91 26.98
CA SER A 246 22.78 1.99 26.31
C SER A 246 22.62 1.89 24.81
N ARG A 247 21.74 0.99 24.34
CA ARG A 247 21.49 0.90 22.91
C ARG A 247 20.81 2.17 22.39
N ARG A 248 19.97 2.78 23.22
CA ARG A 248 19.32 4.01 22.82
C ARG A 248 20.35 5.11 22.59
N LYS A 249 21.29 5.25 23.52
CA LYS A 249 22.29 6.31 23.39
C LYS A 249 23.30 6.00 22.30
N ALA A 250 23.70 4.73 22.16
CA ALA A 250 24.70 4.37 21.17
C ALA A 250 24.13 4.28 19.78
N GLY A 251 22.81 4.27 19.63
CA GLY A 251 22.22 4.27 18.30
C GLY A 251 21.98 5.63 17.73
N ARG A 252 22.12 6.69 18.52
CA ARG A 252 21.94 8.06 18.04
C ARG A 252 23.18 8.48 17.28
N VAL A 253 23.19 8.23 15.97
CA VAL A 253 24.38 8.39 15.15
C VAL A 253 23.99 9.08 13.85
N VAL A 254 24.98 9.65 13.17
CA VAL A 254 24.74 10.31 11.89
C VAL A 254 25.07 9.34 10.77
N ILE A 255 24.19 9.27 9.77
CA ILE A 255 24.43 8.53 8.54
C ILE A 255 24.69 9.55 7.44
N ARG A 256 25.80 9.38 6.73
CA ARG A 256 26.11 10.26 5.61
C ARG A 256 25.71 9.59 4.32
N MET A 257 24.79 10.20 3.59
CA MET A 257 24.39 9.74 2.27
C MET A 257 24.87 10.73 1.21
N ARG A 258 25.05 10.24 0.00
CA ARG A 258 25.35 11.11 -1.14
C ARG A 258 24.02 11.58 -1.71
N CYS A 259 23.66 12.83 -1.42
CA CYS A 259 22.35 13.32 -1.82
C CYS A 259 22.29 13.65 -3.31
N GLY A 260 23.36 14.19 -3.86
CA GLY A 260 23.35 14.47 -5.27
C GLY A 260 24.01 15.79 -5.53
N SER A 261 23.97 16.27 -6.77
CA SER A 261 24.70 17.47 -7.08
C SER A 261 23.90 18.72 -6.75
N SER A 262 24.60 19.83 -6.64
CA SER A 262 24.01 21.15 -6.45
C SER A 262 24.62 22.11 -7.45
N ARG A 263 23.83 23.09 -7.88
CA ARG A 263 24.23 23.94 -9.00
C ARG A 263 25.16 25.04 -8.53
N ASN A 264 26.35 25.08 -9.11
CA ASN A 264 27.31 26.13 -8.81
C ASN A 264 26.94 27.42 -9.52
N PRO A 265 27.25 28.57 -8.91
CA PRO A 265 26.99 29.84 -9.59
C PRO A 265 27.69 29.97 -10.92
N ASP A 266 28.84 29.29 -11.10
CA ASP A 266 29.50 29.27 -12.40
C ASP A 266 28.75 28.42 -13.41
N GLY A 267 27.74 27.66 -12.98
CA GLY A 267 26.98 26.81 -13.88
C GLY A 267 27.34 25.34 -13.85
N THR A 268 28.20 24.92 -12.93
CA THR A 268 28.60 23.52 -12.82
C THR A 268 27.90 22.85 -11.64
N LYS A 269 28.27 21.60 -11.40
CA LYS A 269 27.70 20.79 -10.32
C LYS A 269 28.75 20.57 -9.24
N THR A 270 28.30 20.55 -7.99
CA THR A 270 29.14 20.13 -6.87
C THR A 270 28.41 19.04 -6.10
N SER A 271 29.10 17.95 -5.80
CA SER A 271 28.47 16.86 -5.08
C SER A 271 28.05 17.32 -3.69
N GLU A 272 26.97 16.73 -3.18
CA GLU A 272 26.40 17.14 -1.91
C GLU A 272 25.96 15.90 -1.14
N TRP A 273 26.39 15.84 0.12
CA TRP A 273 26.06 14.77 1.04
C TRP A 273 25.18 15.31 2.15
N ILE A 274 24.35 14.46 2.71
CA ILE A 274 23.54 14.82 3.87
C ILE A 274 23.99 13.97 5.04
N ASP A 275 23.97 14.55 6.23
CA ASP A 275 24.34 13.89 7.47
C ASP A 275 23.08 13.79 8.32
N VAL A 276 22.31 12.74 8.11
CA VAL A 276 21.01 12.60 8.78
C VAL A 276 21.24 12.01 10.17
N PRO A 277 20.75 12.64 11.24
CA PRO A 277 20.90 12.06 12.57
C PRO A 277 19.78 11.06 12.84
N VAL A 278 20.12 9.78 12.88
CA VAL A 278 19.14 8.72 12.98
C VAL A 278 19.32 8.01 14.31
N GLN A 279 18.23 7.47 14.81
CA GLN A 279 18.24 6.54 15.93
C GLN A 279 18.24 5.13 15.37
N GLN A 280 19.24 4.35 15.75
CA GLN A 280 19.38 2.95 15.37
C GLN A 280 18.95 2.09 16.55
N HIS A 281 18.32 0.97 16.24
CA HIS A 281 17.89 0.03 17.26
C HIS A 281 18.45 -1.36 17.08
N ARG A 282 18.79 -1.75 15.86
CA ARG A 282 19.25 -3.08 15.57
C ARG A 282 20.31 -2.98 14.48
N MET A 283 21.24 -3.92 14.49
CA MET A 283 22.37 -3.90 13.57
C MET A 283 22.31 -5.12 12.66
N LEU A 284 22.82 -4.94 11.44
CA LEU A 284 22.89 -6.03 10.52
C LEU A 284 23.88 -7.09 10.99
N PRO A 285 23.77 -8.32 10.51
CA PRO A 285 24.81 -9.31 10.78
C PRO A 285 26.12 -8.88 10.16
N ALA A 286 27.22 -9.29 10.79
CA ALA A 286 28.52 -8.96 10.26
C ALA A 286 28.79 -9.66 8.93
N ASP A 287 27.96 -10.64 8.57
CA ASP A 287 28.13 -11.33 7.30
C ASP A 287 27.34 -10.71 6.16
N ALA A 288 26.45 -9.77 6.44
CA ALA A 288 25.56 -9.24 5.42
C ALA A 288 26.33 -8.44 4.38
N ASP A 289 25.82 -8.42 3.16
CA ASP A 289 26.29 -7.50 2.14
C ASP A 289 25.30 -6.36 2.03
N ILE A 290 25.75 -5.14 2.30
CA ILE A 290 24.89 -3.97 2.25
C ILE A 290 24.71 -3.59 0.79
N THR A 291 23.49 -3.77 0.28
CA THR A 291 23.24 -3.63 -1.14
C THR A 291 22.98 -2.17 -1.52
N ALA A 292 22.24 -1.46 -0.69
CA ALA A 292 21.79 -0.12 -1.04
C ALA A 292 21.37 0.60 0.23
N ALA A 293 20.90 1.82 0.06
CA ALA A 293 20.31 2.57 1.16
C ALA A 293 19.23 3.48 0.61
N GLN A 294 18.19 3.71 1.39
CA GLN A 294 17.13 4.61 0.99
C GLN A 294 16.76 5.52 2.14
N LEU A 295 16.48 6.77 1.82
CA LEU A 295 15.92 7.71 2.78
C LEU A 295 14.52 8.01 2.31
N THR A 296 13.53 7.53 3.04
CA THR A 296 12.13 7.66 2.67
C THR A 296 11.47 8.66 3.61
N VAL A 297 10.83 9.66 3.03
CA VAL A 297 10.12 10.69 3.76
C VAL A 297 8.63 10.42 3.60
N ARG A 298 7.94 10.24 4.72
CA ARG A 298 6.53 9.93 4.75
C ARG A 298 5.79 11.00 5.54
N ARG A 299 4.49 11.06 5.35
CA ARG A 299 3.68 12.11 5.94
C ARG A 299 2.51 11.49 6.69
N GLU A 300 2.29 11.96 7.91
CA GLU A 300 1.08 11.61 8.64
C GLU A 300 0.58 12.84 9.35
N GLY A 301 -0.69 13.17 9.15
CA GLY A 301 -1.17 14.45 9.61
C GLY A 301 -0.37 15.55 8.95
N ALA A 302 -0.03 16.57 9.73
CA ALA A 302 0.87 17.60 9.24
C ALA A 302 2.33 17.18 9.31
N ASP A 303 2.64 16.12 10.05
CA ASP A 303 4.02 15.79 10.35
C ASP A 303 4.69 15.06 9.20
N LEU A 304 5.92 15.45 8.92
CA LEU A 304 6.76 14.76 7.95
C LEU A 304 7.84 14.02 8.73
N ARG A 305 7.89 12.70 8.57
CA ARG A 305 8.86 11.86 9.24
C ARG A 305 9.76 11.24 8.19
N ALA A 306 10.90 10.73 8.63
CA ALA A 306 11.87 10.14 7.71
C ALA A 306 12.47 8.89 8.33
N THR A 307 12.67 7.88 7.50
CA THR A 307 13.38 6.67 7.92
C THR A 307 14.36 6.30 6.83
N ILE A 308 15.56 5.88 7.22
CA ILE A 308 16.55 5.43 6.26
C ILE A 308 16.73 3.94 6.43
N GLY A 309 16.49 3.20 5.37
CA GLY A 309 16.59 1.76 5.39
C GLY A 309 17.77 1.25 4.60
N ILE A 310 18.63 0.49 5.26
CA ILE A 310 19.77 -0.14 4.64
C ILE A 310 19.35 -1.54 4.22
N THR A 311 19.26 -1.77 2.92
CA THR A 311 18.97 -3.09 2.39
C THR A 311 20.24 -3.92 2.45
N ALA A 312 20.11 -5.18 2.88
CA ALA A 312 21.26 -6.07 2.93
C ALA A 312 20.86 -7.47 2.54
N LYS A 313 21.84 -8.28 2.16
CA LYS A 313 21.66 -9.69 1.87
C LYS A 313 22.35 -10.50 2.96
N ILE A 314 21.58 -11.38 3.59
CA ILE A 314 22.03 -12.20 4.71
C ILE A 314 22.18 -13.64 4.24
N PRO A 315 23.13 -14.41 4.77
CA PRO A 315 23.11 -15.85 4.53
C PRO A 315 22.00 -16.54 5.28
N ASP A 316 21.60 -17.71 4.79
CA ASP A 316 20.56 -18.50 5.44
C ASP A 316 21.14 -19.29 6.61
N GLN A 317 20.39 -19.34 7.71
CA GLN A 317 20.85 -19.98 8.94
C GLN A 317 20.46 -21.43 9.05
N GLY A 318 19.83 -22.01 8.04
CA GLY A 318 19.51 -23.41 8.04
C GLY A 318 18.08 -23.70 8.45
N GLU A 319 17.46 -24.63 7.75
CA GLU A 319 16.05 -24.95 7.95
C GLU A 319 15.86 -25.72 9.26
N VAL A 320 14.60 -25.89 9.63
CA VAL A 320 14.23 -26.55 10.88
C VAL A 320 13.28 -27.69 10.57
N ASP A 321 13.23 -28.66 11.48
CA ASP A 321 12.34 -29.81 11.31
C ASP A 321 11.73 -30.30 12.62
N GLU A 322 11.73 -29.49 13.68
CA GLU A 322 11.25 -29.94 15.00
C GLU A 322 10.17 -28.98 15.48
N GLY A 323 8.92 -29.42 15.38
CA GLY A 323 7.80 -28.62 15.85
C GLY A 323 6.48 -29.08 15.27
N PRO A 324 5.39 -28.58 15.82
CA PRO A 324 4.07 -28.94 15.29
C PRO A 324 3.81 -28.30 13.95
N THR A 325 2.83 -28.85 13.23
CA THR A 325 2.26 -28.18 12.07
C THR A 325 1.08 -27.33 12.52
N ILE A 326 1.00 -26.11 12.01
CA ILE A 326 -0.04 -25.17 12.38
C ILE A 326 -0.78 -24.73 11.12
N ALA A 327 -2.10 -24.68 11.20
CA ALA A 327 -2.94 -24.19 10.12
C ALA A 327 -3.68 -22.95 10.60
N VAL A 328 -3.56 -21.87 9.82
CA VAL A 328 -4.18 -20.59 10.15
C VAL A 328 -5.14 -20.26 9.01
N HIS A 329 -6.43 -20.16 9.34
CA HIS A 329 -7.49 -19.90 8.38
C HIS A 329 -8.07 -18.54 8.67
N LEU A 330 -8.14 -17.69 7.66
CA LEU A 330 -8.46 -16.28 7.85
C LEU A 330 -9.96 -16.05 7.91
N GLY A 331 -10.35 -15.01 8.64
CA GLY A 331 -11.73 -14.62 8.76
C GLY A 331 -11.82 -13.21 9.27
N TRP A 332 -13.04 -12.70 9.33
CA TRP A 332 -13.29 -11.38 9.90
C TRP A 332 -14.60 -11.39 10.67
N ARG A 333 -14.84 -12.44 11.44
CA ARG A 333 -16.08 -12.55 12.18
C ARG A 333 -16.03 -11.67 13.41
N SER A 334 -17.07 -10.88 13.63
CA SER A 334 -17.18 -10.12 14.85
C SER A 334 -17.46 -11.05 16.02
N SER A 335 -16.98 -10.68 17.20
CA SER A 335 -17.17 -11.49 18.40
C SER A 335 -17.29 -10.56 19.59
N ASP A 336 -17.52 -11.16 20.76
CA ASP A 336 -17.68 -10.36 21.98
C ASP A 336 -16.38 -9.66 22.34
N HIS A 337 -15.24 -10.35 22.18
CA HIS A 337 -13.98 -9.80 22.63
C HIS A 337 -13.26 -9.03 21.52
N GLY A 338 -13.59 -9.30 20.27
CA GLY A 338 -13.03 -8.54 19.17
C GLY A 338 -13.22 -9.30 17.88
N THR A 339 -12.82 -8.67 16.79
CA THR A 339 -12.84 -9.35 15.52
C THR A 339 -11.97 -10.60 15.59
N VAL A 340 -12.51 -11.73 15.13
CA VAL A 340 -11.76 -12.98 15.09
C VAL A 340 -11.10 -13.05 13.73
N VAL A 341 -9.83 -12.66 13.67
CA VAL A 341 -9.13 -12.55 12.40
C VAL A 341 -8.89 -13.93 11.79
N ALA A 342 -8.48 -14.89 12.60
CA ALA A 342 -8.18 -16.20 12.07
C ALA A 342 -8.38 -17.25 13.14
N THR A 343 -8.58 -18.48 12.71
CA THR A 343 -8.59 -19.64 13.58
C THR A 343 -7.42 -20.53 13.24
N TRP A 344 -6.74 -21.03 14.25
CA TRP A 344 -5.58 -21.88 14.08
C TRP A 344 -5.86 -23.25 14.68
N ARG A 345 -5.21 -24.26 14.12
CA ARG A 345 -5.18 -25.56 14.76
C ARG A 345 -3.84 -26.22 14.49
N SER A 346 -3.33 -26.92 15.50
CA SER A 346 -1.99 -27.48 15.49
C SER A 346 -2.04 -28.99 15.69
N THR A 347 -1.04 -29.68 15.16
CA THR A 347 -0.96 -31.11 15.36
C THR A 347 -0.52 -31.47 16.78
N GLU A 348 0.18 -30.57 17.45
CA GLU A 348 0.63 -30.78 18.81
C GLU A 348 0.18 -29.61 19.67
N PRO A 349 -0.07 -29.83 20.96
CA PRO A 349 -0.55 -28.75 21.82
C PRO A 349 0.45 -27.60 21.90
N LEU A 350 -0.07 -26.39 22.03
CA LEU A 350 0.72 -25.19 22.06
C LEU A 350 0.58 -24.50 23.42
N ASP A 351 1.69 -23.99 23.93
CA ASP A 351 1.72 -23.21 25.16
C ASP A 351 1.75 -21.73 24.75
N ILE A 352 0.61 -21.08 24.91
CA ILE A 352 0.49 -19.66 24.53
C ILE A 352 1.18 -18.80 25.58
N PRO A 353 2.07 -17.88 25.18
CA PRO A 353 2.71 -17.01 26.16
C PRO A 353 1.71 -16.10 26.84
N GLU A 354 2.00 -15.77 28.10
CA GLU A 354 1.06 -15.00 28.90
C GLU A 354 0.83 -13.62 28.33
N THR A 355 1.80 -13.08 27.59
CA THR A 355 1.61 -11.77 26.98
C THR A 355 0.63 -11.81 25.82
N LEU A 356 0.48 -12.98 25.19
CA LEU A 356 -0.46 -13.17 24.09
C LEU A 356 -1.72 -13.89 24.53
N ARG A 357 -2.02 -13.91 25.82
CA ARG A 357 -3.16 -14.70 26.30
C ARG A 357 -4.47 -14.18 25.72
N GLY A 358 -4.64 -12.86 25.72
CA GLY A 358 -5.84 -12.29 25.11
C GLY A 358 -5.86 -12.44 23.61
N VAL A 359 -4.71 -12.21 22.96
CA VAL A 359 -4.68 -12.13 21.51
C VAL A 359 -4.90 -13.51 20.89
N ILE A 360 -4.19 -14.52 21.38
CA ILE A 360 -4.31 -15.88 20.86
C ILE A 360 -5.08 -16.71 21.88
N THR A 361 -6.27 -17.16 21.50
CA THR A 361 -7.15 -17.87 22.41
C THR A 361 -7.26 -19.33 22.01
N THR A 362 -7.43 -20.18 23.00
CA THR A 362 -7.61 -21.62 22.80
C THR A 362 -9.01 -22.01 23.25
N GLN A 363 -9.67 -22.85 22.46
CA GLN A 363 -11.05 -23.20 22.75
C GLN A 363 -11.15 -24.12 23.96
N SER A 364 -10.32 -25.16 24.02
CA SER A 364 -10.45 -26.21 25.01
C SER A 364 -9.09 -26.52 25.64
N ALA A 365 -9.13 -27.34 26.69
CA ALA A 365 -7.94 -27.71 27.42
C ALA A 365 -6.96 -28.51 26.56
N GLU A 366 -7.42 -29.11 25.46
CA GLU A 366 -6.49 -29.76 24.56
C GLU A 366 -5.54 -28.75 23.93
N ARG A 367 -5.98 -27.49 23.81
CA ARG A 367 -5.16 -26.39 23.33
C ARG A 367 -4.60 -26.65 21.95
N THR A 368 -5.23 -27.52 21.18
CA THR A 368 -4.80 -27.81 19.82
C THR A 368 -5.52 -26.96 18.78
N VAL A 369 -6.52 -26.18 19.18
CA VAL A 369 -7.29 -25.38 18.24
C VAL A 369 -7.74 -24.12 18.94
N GLY A 370 -7.80 -23.04 18.18
CA GLY A 370 -8.19 -21.76 18.75
C GLY A 370 -8.27 -20.69 17.68
N SER A 371 -8.20 -19.45 18.13
CA SER A 371 -8.45 -18.30 17.26
C SER A 371 -7.53 -17.15 17.64
N ILE A 372 -7.51 -16.14 16.78
CA ILE A 372 -6.75 -14.91 16.99
C ILE A 372 -7.72 -13.74 16.98
N VAL A 373 -7.66 -12.90 18.00
CA VAL A 373 -8.68 -11.90 18.25
C VAL A 373 -8.04 -10.52 18.28
N VAL A 374 -8.45 -9.66 17.36
CA VAL A 374 -8.07 -8.25 17.45
C VAL A 374 -8.82 -7.62 18.61
N PRO A 375 -8.16 -6.90 19.51
CA PRO A 375 -8.84 -6.36 20.68
C PRO A 375 -9.92 -5.37 20.27
N HIS A 376 -10.94 -5.26 21.12
CA HIS A 376 -12.04 -4.36 20.83
C HIS A 376 -11.60 -2.91 20.83
N ARG A 377 -10.53 -2.59 21.57
CA ARG A 377 -10.12 -1.19 21.71
C ARG A 377 -9.56 -0.63 20.42
N ILE A 378 -8.93 -1.45 19.59
CA ILE A 378 -8.41 -0.94 18.33
C ILE A 378 -9.54 -0.49 17.43
N GLU A 379 -10.65 -1.23 17.45
CA GLU A 379 -11.81 -0.83 16.66
C GLU A 379 -12.36 0.52 17.12
N GLN A 380 -12.44 0.72 18.43
CA GLN A 380 -12.93 2.00 18.93
C GLN A 380 -11.99 3.14 18.55
N ARG A 381 -10.69 2.92 18.68
CA ARG A 381 -9.72 3.96 18.36
C ARG A 381 -9.72 4.28 16.88
N VAL A 382 -10.11 3.33 16.03
CA VAL A 382 -10.23 3.65 14.61
C VAL A 382 -11.53 4.37 14.32
N HIS A 383 -12.62 3.99 14.99
CA HIS A 383 -13.90 4.66 14.76
C HIS A 383 -13.87 6.12 15.20
N HIS A 384 -13.05 6.44 16.19
CA HIS A 384 -12.93 7.83 16.60
C HIS A 384 -12.48 8.71 15.45
N HIS A 385 -11.71 8.17 14.51
CA HIS A 385 -11.28 8.99 13.38
C HIS A 385 -12.46 9.45 12.54
N ALA A 386 -13.41 8.56 12.28
CA ALA A 386 -14.63 8.97 11.57
C ALA A 386 -15.39 10.00 12.39
N THR A 387 -15.49 9.78 13.70
CA THR A 387 -16.19 10.73 14.54
C THR A 387 -15.61 12.13 14.39
N VAL A 388 -14.28 12.24 14.29
CA VAL A 388 -13.66 13.56 14.22
C VAL A 388 -13.62 14.12 12.80
N ALA A 389 -13.52 13.26 11.78
CA ALA A 389 -13.59 13.76 10.42
C ALA A 389 -14.95 14.37 10.12
N SER A 390 -15.99 13.89 10.80
CA SER A 390 -17.28 14.58 10.72
C SER A 390 -17.15 16.05 11.12
N HIS A 391 -16.54 16.30 12.28
CA HIS A 391 -16.35 17.67 12.75
C HIS A 391 -15.49 18.47 11.79
N ARG A 392 -14.42 17.87 11.30
CA ARG A 392 -13.53 18.59 10.39
C ARG A 392 -14.29 19.05 9.14
N ASP A 393 -15.09 18.17 8.54
CA ASP A 393 -15.75 18.55 7.31
C ASP A 393 -16.88 19.54 7.56
N LEU A 394 -17.58 19.42 8.70
CA LEU A 394 -18.57 20.44 9.03
C LEU A 394 -17.90 21.81 9.18
N ALA A 395 -16.74 21.85 9.84
CA ALA A 395 -16.04 23.11 10.02
C ALA A 395 -15.57 23.68 8.69
N VAL A 396 -15.07 22.82 7.80
CA VAL A 396 -14.63 23.31 6.49
C VAL A 396 -15.81 23.88 5.73
N ASP A 397 -16.97 23.23 5.82
CA ASP A 397 -18.16 23.77 5.15
C ASP A 397 -18.53 25.13 5.72
N SER A 398 -18.47 25.28 7.05
CA SER A 398 -18.79 26.58 7.64
C SER A 398 -17.84 27.67 7.19
N ILE A 399 -16.54 27.36 7.14
CA ILE A 399 -15.59 28.39 6.73
C ILE A 399 -15.73 28.69 5.24
N ARG A 400 -16.11 27.70 4.44
CA ARG A 400 -16.39 27.96 3.03
C ARG A 400 -17.56 28.93 2.90
N ASP A 401 -18.60 28.73 3.70
CA ASP A 401 -19.73 29.66 3.68
C ASP A 401 -19.28 31.06 4.06
N THR A 402 -18.47 31.18 5.10
CA THR A 402 -18.04 32.51 5.55
C THR A 402 -17.17 33.20 4.50
N LEU A 403 -16.24 32.45 3.91
CA LEU A 403 -15.37 33.03 2.89
C LEU A 403 -16.18 33.49 1.69
N VAL A 404 -17.13 32.67 1.23
CA VAL A 404 -17.96 33.06 0.10
C VAL A 404 -18.79 34.30 0.43
N ALA A 405 -19.36 34.34 1.65
CA ALA A 405 -20.14 35.51 2.04
C ALA A 405 -19.29 36.77 2.05
N TRP A 406 -18.10 36.71 2.65
CA TRP A 406 -17.24 37.89 2.69
C TRP A 406 -16.81 38.30 1.30
N LEU A 407 -16.44 37.34 0.45
CA LEU A 407 -16.00 37.69 -0.90
C LEU A 407 -17.14 38.32 -1.70
N THR A 408 -18.34 37.77 -1.60
CA THR A 408 -19.45 38.37 -2.32
C THR A 408 -19.84 39.72 -1.74
N GLU A 409 -19.51 39.99 -0.48
CA GLU A 409 -19.73 41.33 0.05
C GLU A 409 -18.68 42.31 -0.48
N HIS A 410 -17.42 41.90 -0.50
CA HIS A 410 -16.31 42.79 -0.85
C HIS A 410 -15.72 42.51 -2.22
N GLY A 411 -16.39 41.73 -3.06
CA GLY A 411 -15.94 41.53 -4.42
C GLY A 411 -14.73 40.62 -4.49
N PRO A 412 -14.28 40.33 -5.71
CA PRO A 412 -13.13 39.46 -5.87
C PRO A 412 -11.87 40.09 -5.28
N GLN A 413 -10.99 39.23 -4.77
CA GLN A 413 -9.72 39.68 -4.24
C GLN A 413 -8.58 39.11 -5.06
N PRO A 414 -7.54 39.91 -5.32
CA PRO A 414 -6.39 39.40 -6.08
C PRO A 414 -5.67 38.32 -5.29
N HIS A 415 -5.19 37.31 -6.00
CA HIS A 415 -4.36 36.32 -5.35
C HIS A 415 -3.06 36.98 -4.89
N PRO A 416 -2.53 36.59 -3.72
CA PRO A 416 -1.24 37.15 -3.30
C PRO A 416 -0.15 36.87 -4.31
N TYR A 417 0.03 35.59 -4.65
CA TYR A 417 0.91 35.24 -5.76
C TYR A 417 0.39 34.09 -6.59
N ASP A 418 -0.84 33.62 -6.36
CA ASP A 418 -1.38 32.50 -7.11
C ASP A 418 -1.79 32.93 -8.51
N GLY A 419 -1.59 32.04 -9.48
CA GLY A 419 -1.90 32.37 -10.86
C GLY A 419 -3.38 32.61 -11.10
N ASP A 420 -4.24 31.78 -10.50
CA ASP A 420 -5.68 31.94 -10.65
C ASP A 420 -6.21 32.78 -9.50
N PRO A 421 -6.76 33.97 -9.76
CA PRO A 421 -7.26 34.80 -8.65
C PRO A 421 -8.39 34.13 -7.92
N ILE A 422 -8.42 34.32 -6.60
CA ILE A 422 -9.46 33.73 -5.78
C ILE A 422 -10.71 34.57 -5.90
N THR A 423 -11.85 33.91 -6.08
CA THR A 423 -13.12 34.60 -6.27
C THR A 423 -14.21 33.79 -5.57
N ALA A 424 -15.34 34.44 -5.31
CA ALA A 424 -16.42 33.76 -4.60
C ALA A 424 -16.80 32.46 -5.29
N ALA A 425 -16.77 32.44 -6.62
CA ALA A 425 -17.07 31.20 -7.34
C ALA A 425 -16.03 30.13 -7.07
N SER A 426 -14.75 30.49 -7.15
CA SER A 426 -13.71 29.48 -6.96
C SER A 426 -13.70 28.95 -5.53
N VAL A 427 -13.88 29.83 -4.54
CA VAL A 427 -13.96 29.40 -3.15
C VAL A 427 -15.18 28.52 -2.94
N GLN A 428 -16.31 28.88 -3.55
CA GLN A 428 -17.49 28.03 -3.48
C GLN A 428 -17.20 26.66 -4.11
N ARG A 429 -16.27 26.59 -5.05
CA ARG A 429 -15.91 25.33 -5.66
C ARG A 429 -14.70 24.66 -5.02
N TRP A 430 -14.16 25.22 -3.95
CA TRP A 430 -13.04 24.58 -3.26
C TRP A 430 -13.52 23.39 -2.44
N LYS A 431 -12.76 22.30 -2.50
CA LYS A 431 -13.17 21.05 -1.87
C LYS A 431 -12.27 20.65 -0.72
N ALA A 432 -10.97 20.54 -0.93
CA ALA A 432 -10.05 20.10 0.10
C ALA A 432 -9.84 21.18 1.15
N PRO A 433 -9.55 20.79 2.40
CA PRO A 433 -9.13 21.80 3.39
C PRO A 433 -7.74 22.34 3.10
N ARG A 434 -6.99 21.72 2.20
CA ARG A 434 -5.68 22.24 1.84
C ARG A 434 -5.78 23.68 1.39
N ARG A 435 -6.78 23.99 0.57
CA ARG A 435 -6.87 25.33 0.00
C ARG A 435 -7.26 26.36 1.05
N PHE A 436 -8.14 25.99 1.97
CA PHE A 436 -8.46 26.93 3.04
C PHE A 436 -7.27 27.16 3.94
N ALA A 437 -6.49 26.13 4.24
CA ALA A 437 -5.27 26.33 5.02
C ALA A 437 -4.28 27.21 4.28
N TRP A 438 -4.11 26.98 2.98
CA TRP A 438 -3.18 27.80 2.20
C TRP A 438 -3.60 29.26 2.19
N LEU A 439 -4.89 29.53 1.99
CA LEU A 439 -5.37 30.91 2.02
C LEU A 439 -5.21 31.52 3.41
N ALA A 440 -5.49 30.75 4.46
CA ALA A 440 -5.36 31.31 5.81
C ALA A 440 -3.91 31.67 6.10
N LEU A 441 -2.97 30.83 5.67
CA LEU A 441 -1.55 31.17 5.83
C LEU A 441 -1.19 32.41 5.03
N GLN A 442 -1.66 32.50 3.78
CA GLN A 442 -1.29 33.65 2.96
C GLN A 442 -1.89 34.94 3.52
N TRP A 443 -3.07 34.87 4.15
CA TRP A 443 -3.76 36.07 4.59
C TRP A 443 -3.49 36.47 6.03
N ARG A 444 -2.99 35.56 6.88
CA ARG A 444 -2.75 35.96 8.25
C ARG A 444 -1.72 37.07 8.33
N ASP A 445 -0.68 37.00 7.48
CA ASP A 445 0.35 38.03 7.46
C ASP A 445 -0.13 39.30 6.76
N THR A 446 -0.76 39.16 5.60
CA THR A 446 -1.13 40.30 4.75
C THR A 446 -2.62 40.21 4.43
N PRO A 447 -3.47 40.61 5.36
CA PRO A 447 -4.91 40.58 5.09
C PRO A 447 -5.25 41.48 3.91
N PRO A 448 -6.26 41.11 3.13
CA PRO A 448 -6.66 41.94 1.99
C PRO A 448 -7.32 43.22 2.46
N PRO A 449 -7.64 44.13 1.54
CA PRO A 449 -8.37 45.35 1.94
C PRO A 449 -9.63 45.01 2.71
N GLU A 450 -9.76 45.62 3.89
CA GLU A 450 -10.83 45.33 4.84
C GLU A 450 -10.83 43.87 5.27
N GLY A 451 -9.69 43.20 5.17
CA GLY A 451 -9.59 41.77 5.39
C GLY A 451 -9.22 41.34 6.79
N ALA A 452 -9.31 42.23 7.77
CA ALA A 452 -8.87 41.87 9.12
C ALA A 452 -9.75 40.80 9.75
N ASP A 453 -11.07 40.99 9.72
CA ASP A 453 -11.96 40.03 10.35
C ASP A 453 -11.91 38.68 9.65
N ILE A 454 -11.90 38.70 8.32
CA ILE A 454 -11.87 37.44 7.60
C ILE A 454 -10.54 36.72 7.82
N ALA A 455 -9.43 37.46 7.94
CA ALA A 455 -8.17 36.79 8.21
C ALA A 455 -8.14 36.21 9.62
N GLU A 456 -8.72 36.92 10.58
CA GLU A 456 -8.80 36.37 11.93
C GLU A 456 -9.61 35.08 11.96
N THR A 457 -10.76 35.06 11.29
CA THR A 457 -11.57 33.85 11.24
C THR A 457 -10.86 32.74 10.48
N LEU A 458 -10.16 33.07 9.40
CA LEU A 458 -9.43 32.07 8.66
C LEU A 458 -8.35 31.42 9.52
N GLU A 459 -7.59 32.22 10.26
CA GLU A 459 -6.54 31.65 11.09
C GLU A 459 -7.14 30.84 12.24
N ALA A 460 -8.25 31.31 12.81
CA ALA A 460 -8.90 30.52 13.85
C ALA A 460 -9.33 29.16 13.32
N TRP A 461 -9.94 29.16 12.14
CA TRP A 461 -10.33 27.90 11.54
C TRP A 461 -9.12 27.02 11.27
N ARG A 462 -8.03 27.60 10.77
CA ARG A 462 -6.88 26.76 10.41
C ARG A 462 -6.23 26.18 11.65
N ARG A 463 -6.20 26.93 12.75
CA ARG A 463 -5.70 26.38 14.00
C ARG A 463 -6.54 25.19 14.43
N ALA A 464 -7.86 25.38 14.49
CA ALA A 464 -8.72 24.30 14.94
C ALA A 464 -8.60 23.08 14.02
N ASP A 465 -8.60 23.31 12.71
CA ASP A 465 -8.55 22.21 11.76
C ASP A 465 -7.21 21.48 11.83
N LYS A 466 -6.10 22.19 12.00
CA LYS A 466 -4.82 21.50 12.12
C LYS A 466 -4.78 20.66 13.37
N LYS A 467 -5.31 21.18 14.48
CA LYS A 467 -5.35 20.38 15.69
C LYS A 467 -6.16 19.11 15.48
N LEU A 468 -7.35 19.25 14.89
CA LEU A 468 -8.20 18.07 14.66
C LEU A 468 -7.56 17.12 13.68
N TRP A 469 -6.89 17.66 12.66
CA TRP A 469 -6.22 16.84 11.65
C TRP A 469 -5.12 15.99 12.27
N LEU A 470 -4.25 16.63 13.05
CA LEU A 470 -3.19 15.90 13.72
C LEU A 470 -3.77 14.83 14.63
N GLU A 471 -4.75 15.20 15.45
CA GLU A 471 -5.30 14.23 16.39
C GLU A 471 -5.92 13.05 15.67
N SER A 472 -6.73 13.31 14.65
CA SER A 472 -7.38 12.21 13.92
C SER A 472 -6.36 11.31 13.26
N GLU A 473 -5.46 11.89 12.46
CA GLU A 473 -4.54 11.08 11.70
C GLU A 473 -3.60 10.29 12.61
N HIS A 474 -3.09 10.94 13.65
CA HIS A 474 -2.14 10.26 14.52
C HIS A 474 -2.81 9.21 15.39
N GLY A 475 -4.02 9.49 15.89
CA GLY A 475 -4.72 8.47 16.65
C GLY A 475 -5.03 7.25 15.81
N ARG A 476 -5.54 7.44 14.60
CA ARG A 476 -5.85 6.28 13.77
C ARG A 476 -4.58 5.56 13.33
N GLY A 477 -3.52 6.30 13.01
CA GLY A 477 -2.28 5.64 12.65
C GLY A 477 -1.68 4.83 13.78
N ARG A 478 -1.70 5.37 14.99
CA ARG A 478 -1.20 4.63 16.13
C ARG A 478 -2.03 3.38 16.39
N ALA A 479 -3.36 3.49 16.25
CA ALA A 479 -4.19 2.30 16.42
C ALA A 479 -3.87 1.25 15.37
N LEU A 480 -3.68 1.65 14.12
CA LEU A 480 -3.39 0.67 13.08
C LEU A 480 -2.01 0.03 13.29
N ARG A 481 -1.02 0.80 13.73
CA ARG A 481 0.27 0.21 13.98
C ARG A 481 0.26 -0.66 15.23
N HIS A 482 -0.61 -0.38 16.19
CA HIS A 482 -0.82 -1.31 17.29
C HIS A 482 -1.39 -2.63 16.78
N ARG A 483 -2.36 -2.56 15.88
CA ARG A 483 -2.89 -3.79 15.29
C ARG A 483 -1.79 -4.57 14.60
N THR A 484 -0.99 -3.92 13.77
CA THR A 484 0.07 -4.62 13.07
C THR A 484 1.13 -5.16 14.02
N ASP A 485 1.38 -4.44 15.13
CA ASP A 485 2.25 -4.94 16.17
C ASP A 485 1.73 -6.25 16.74
N LEU A 486 0.42 -6.31 17.01
CA LEU A 486 -0.17 -7.56 17.49
C LEU A 486 -0.07 -8.66 16.44
N HIS A 487 -0.28 -8.32 15.18
CA HIS A 487 -0.15 -9.31 14.12
C HIS A 487 1.25 -9.89 14.08
N ARG A 488 2.26 -9.05 14.23
CA ARG A 488 3.63 -9.55 14.16
C ARG A 488 4.01 -10.28 15.43
N GLN A 489 3.44 -9.93 16.57
CA GLN A 489 3.64 -10.77 17.76
C GLN A 489 3.09 -12.17 17.55
N VAL A 490 1.88 -12.29 16.99
CA VAL A 490 1.33 -13.61 16.72
C VAL A 490 2.17 -14.36 15.70
N ALA A 491 2.56 -13.67 14.63
CA ALA A 491 3.35 -14.32 13.59
C ALA A 491 4.69 -14.79 14.13
N ALA A 492 5.33 -13.97 14.97
CA ALA A 492 6.60 -14.35 15.57
C ALA A 492 6.43 -15.57 16.46
N TYR A 493 5.37 -15.61 17.26
CA TYR A 493 5.14 -16.79 18.10
C TYR A 493 4.99 -18.04 17.25
N PHE A 494 4.15 -17.98 16.22
CA PHE A 494 3.92 -19.16 15.40
C PHE A 494 5.18 -19.61 14.70
N ALA A 495 5.93 -18.67 14.09
CA ALA A 495 7.16 -19.05 13.43
C ALA A 495 8.20 -19.53 14.43
N GLY A 496 8.04 -19.19 15.71
CA GLY A 496 8.96 -19.69 16.71
C GLY A 496 8.66 -21.11 17.16
N VAL A 497 7.39 -21.50 17.19
CA VAL A 497 7.08 -22.83 17.70
C VAL A 497 6.79 -23.81 16.56
N ALA A 498 6.30 -23.31 15.42
CA ALA A 498 5.78 -24.19 14.39
C ALA A 498 6.89 -24.93 13.67
N GLY A 499 6.60 -26.17 13.28
CA GLY A 499 7.47 -26.94 12.43
C GLY A 499 7.05 -26.83 10.99
N ARG A 500 5.80 -26.45 10.77
CA ARG A 500 5.26 -26.13 9.45
C ARG A 500 4.01 -25.31 9.66
N ILE A 501 3.76 -24.36 8.76
CA ILE A 501 2.60 -23.48 8.87
C ILE A 501 1.76 -23.59 7.60
N VAL A 502 0.46 -23.79 7.77
CA VAL A 502 -0.48 -24.03 6.68
C VAL A 502 -1.35 -22.80 6.49
N VAL A 503 -1.35 -22.25 5.27
CA VAL A 503 -2.18 -21.11 4.92
C VAL A 503 -2.83 -21.37 3.57
N ASP A 504 -4.08 -20.94 3.41
CA ASP A 504 -4.76 -21.07 2.14
C ASP A 504 -4.42 -19.91 1.23
N ASP A 505 -4.61 -20.12 -0.08
CA ASP A 505 -4.35 -19.07 -1.07
C ASP A 505 -5.63 -18.31 -1.42
N SER A 506 -6.28 -17.78 -0.39
CA SER A 506 -7.53 -17.06 -0.55
C SER A 506 -7.23 -15.57 -0.70
N ASP A 507 -7.52 -15.04 -1.89
CA ASP A 507 -7.15 -13.67 -2.26
C ASP A 507 -8.13 -12.72 -1.58
N ILE A 508 -7.69 -12.09 -0.48
CA ILE A 508 -8.56 -11.15 0.24
C ILE A 508 -8.88 -9.95 -0.64
N ALA A 509 -8.02 -9.62 -1.59
CA ALA A 509 -8.34 -8.55 -2.52
C ALA A 509 -9.60 -8.87 -3.32
N GLN A 510 -9.70 -10.10 -3.82
CA GLN A 510 -10.92 -10.50 -4.53
C GLN A 510 -12.12 -10.49 -3.60
N ILE A 511 -11.96 -10.98 -2.38
CA ILE A 511 -13.08 -10.98 -1.44
C ILE A 511 -13.60 -9.56 -1.24
N ALA A 512 -12.69 -8.60 -1.06
CA ALA A 512 -13.11 -7.21 -0.90
C ALA A 512 -13.76 -6.68 -2.17
N GLY A 513 -13.18 -6.99 -3.33
CA GLY A 513 -13.72 -6.45 -4.58
C GLY A 513 -15.11 -6.97 -4.90
N THR A 514 -15.29 -8.29 -4.80
CA THR A 514 -16.55 -8.91 -5.21
C THR A 514 -17.64 -8.79 -4.14
N ALA A 515 -17.36 -8.12 -3.03
CA ALA A 515 -18.35 -7.97 -1.98
C ALA A 515 -19.58 -7.17 -2.44
N LYS A 516 -19.49 -6.47 -3.56
CA LYS A 516 -20.65 -5.70 -4.02
C LYS A 516 -21.74 -6.60 -4.59
N HIS A 517 -21.41 -7.86 -4.89
CA HIS A 517 -22.39 -8.83 -5.38
C HIS A 517 -22.89 -9.74 -4.27
N SER A 518 -22.97 -9.22 -3.04
CA SER A 518 -23.13 -10.07 -1.86
C SER A 518 -24.55 -10.57 -1.67
N GLU A 519 -25.53 -10.05 -2.42
CA GLU A 519 -26.94 -10.32 -2.13
C GLU A 519 -27.29 -9.93 -0.70
N LEU A 520 -26.61 -8.90 -0.20
CA LEU A 520 -26.84 -8.34 1.13
C LEU A 520 -27.09 -6.85 0.99
N LEU A 521 -27.71 -6.27 2.02
CA LEU A 521 -27.85 -4.83 2.05
C LEU A 521 -26.47 -4.19 2.03
N THR A 522 -26.34 -3.13 1.23
CA THR A 522 -25.03 -2.51 1.07
C THR A 522 -24.51 -1.94 2.38
N ASP A 523 -25.41 -1.57 3.30
CA ASP A 523 -24.95 -1.15 4.63
C ASP A 523 -24.26 -2.29 5.36
N VAL A 524 -24.84 -3.49 5.29
CA VAL A 524 -24.20 -4.64 5.93
C VAL A 524 -22.91 -5.00 5.22
N ASP A 525 -22.88 -4.88 3.89
CA ASP A 525 -21.63 -5.06 3.16
C ASP A 525 -20.57 -4.08 3.62
N ARG A 526 -20.96 -2.84 3.92
CA ARG A 526 -19.98 -1.85 4.33
C ARG A 526 -19.52 -2.07 5.76
N GLN A 527 -20.42 -2.56 6.62
CA GLN A 527 -19.98 -2.96 7.97
C GLN A 527 -18.97 -4.08 7.89
N ILE A 528 -19.25 -5.09 7.07
CA ILE A 528 -18.35 -6.22 6.92
C ILE A 528 -17.00 -5.77 6.37
N ALA A 529 -17.02 -4.89 5.35
CA ALA A 529 -15.77 -4.47 4.74
C ALA A 529 -14.97 -3.55 5.66
N ARG A 530 -15.65 -2.73 6.45
CA ARG A 530 -14.96 -1.92 7.44
C ARG A 530 -14.30 -2.80 8.50
N ARG A 531 -15.00 -3.84 8.95
CA ARG A 531 -14.38 -4.78 9.88
C ARG A 531 -13.19 -5.50 9.27
N ARG A 532 -13.32 -5.95 8.02
CA ARG A 532 -12.20 -6.63 7.39
C ARG A 532 -11.01 -5.71 7.26
N ALA A 533 -11.24 -4.43 6.92
CA ALA A 533 -10.14 -3.49 6.84
C ALA A 533 -9.49 -3.27 8.20
N ILE A 534 -10.29 -3.12 9.25
CA ILE A 534 -9.70 -2.85 10.55
C ILE A 534 -8.91 -4.05 11.06
N ALA A 535 -9.45 -5.26 10.90
CA ALA A 535 -8.72 -6.43 11.38
C ALA A 535 -7.56 -6.80 10.47
N ALA A 536 -7.72 -6.62 9.17
CA ALA A 536 -6.71 -6.91 8.18
C ALA A 536 -6.22 -8.34 8.24
N PRO A 537 -7.05 -9.32 7.85
CA PRO A 537 -6.56 -10.71 7.84
C PRO A 537 -5.42 -10.94 6.87
N GLY A 538 -5.42 -10.28 5.72
CA GLY A 538 -4.35 -10.48 4.77
C GLY A 538 -3.01 -10.06 5.33
N MET A 539 -3.01 -9.01 6.15
CA MET A 539 -1.79 -8.60 6.84
C MET A 539 -1.34 -9.66 7.84
N LEU A 540 -2.27 -10.28 8.57
CA LEU A 540 -1.90 -11.34 9.49
C LEU A 540 -1.28 -12.51 8.75
N ARG A 541 -1.89 -12.93 7.64
CA ARG A 541 -1.34 -14.04 6.89
C ARG A 541 0.02 -13.69 6.30
N ALA A 542 0.18 -12.48 5.79
CA ALA A 542 1.47 -12.08 5.26
C ALA A 542 2.52 -12.05 6.36
N ALA A 543 2.15 -11.59 7.55
CA ALA A 543 3.10 -11.58 8.66
C ALA A 543 3.50 -13.00 9.05
N ILE A 544 2.53 -13.91 9.11
CA ILE A 544 2.83 -15.29 9.47
C ILE A 544 3.75 -15.93 8.45
N VAL A 545 3.46 -15.73 7.17
CA VAL A 545 4.29 -16.28 6.12
C VAL A 545 5.70 -15.68 6.17
N ALA A 546 5.79 -14.37 6.43
CA ALA A 546 7.10 -13.71 6.45
C ALA A 546 7.93 -14.16 7.64
N ALA A 547 7.32 -14.26 8.82
CA ALA A 547 8.05 -14.73 9.99
C ALA A 547 8.46 -16.18 9.83
N ALA A 548 7.60 -17.01 9.23
CA ALA A 548 7.95 -18.40 9.01
C ALA A 548 9.06 -18.52 7.97
N THR A 549 9.09 -17.63 6.98
CA THR A 549 10.13 -17.68 5.98
C THR A 549 11.48 -17.23 6.55
N ARG A 550 11.47 -16.18 7.38
CA ARG A 550 12.71 -15.69 7.96
C ARG A 550 13.37 -16.76 8.82
N ASP A 551 12.60 -17.42 9.67
CA ASP A 551 13.12 -18.46 10.54
C ASP A 551 13.26 -19.80 9.85
N GLU A 552 13.08 -19.84 8.53
CA GLU A 552 13.22 -21.05 7.73
C GLU A 552 12.30 -22.16 8.24
N VAL A 553 11.08 -21.77 8.63
CA VAL A 553 10.03 -22.72 8.97
C VAL A 553 9.22 -22.97 7.71
N PRO A 554 9.00 -24.22 7.31
CA PRO A 554 8.31 -24.48 6.04
C PRO A 554 6.85 -24.04 6.09
N THR A 555 6.39 -23.46 4.98
CA THR A 555 5.02 -23.03 4.83
C THR A 555 4.39 -23.74 3.64
N THR A 556 3.13 -24.12 3.79
CA THR A 556 2.40 -24.77 2.71
C THR A 556 1.12 -24.00 2.43
N THR A 557 0.73 -24.01 1.16
CA THR A 557 -0.48 -23.34 0.68
C THR A 557 -1.46 -24.39 0.17
N VAL A 558 -2.67 -24.36 0.69
CA VAL A 558 -3.71 -25.29 0.29
C VAL A 558 -4.80 -24.51 -0.44
N SER A 559 -5.48 -25.17 -1.37
CA SER A 559 -6.56 -24.54 -2.09
C SER A 559 -7.68 -24.15 -1.13
N HIS A 560 -8.23 -22.96 -1.33
CA HIS A 560 -9.32 -22.49 -0.51
C HIS A 560 -10.67 -22.99 -0.98
N THR A 561 -10.71 -23.68 -2.12
CA THR A 561 -11.98 -24.15 -2.66
C THR A 561 -12.62 -25.16 -1.72
N GLY A 562 -13.82 -24.85 -1.26
CA GLY A 562 -14.57 -25.75 -0.42
C GLY A 562 -14.22 -25.71 1.05
N LEU A 563 -13.29 -24.85 1.46
CA LEU A 563 -12.89 -24.83 2.86
C LEU A 563 -14.06 -24.46 3.76
N SER A 564 -14.84 -23.46 3.37
CA SER A 564 -15.96 -23.04 4.21
C SER A 564 -17.17 -23.94 4.01
N ARG A 565 -17.48 -24.30 2.76
CA ARG A 565 -18.67 -25.10 2.50
C ARG A 565 -18.53 -26.51 3.05
N VAL A 566 -17.43 -27.19 2.72
CA VAL A 566 -17.31 -28.61 2.99
C VAL A 566 -17.22 -28.86 4.48
N HIS A 567 -18.03 -29.79 4.98
CA HIS A 567 -17.95 -30.23 6.36
C HIS A 567 -17.02 -31.43 6.43
N ALA A 568 -15.98 -31.32 7.27
CA ALA A 568 -14.92 -32.32 7.28
C ALA A 568 -15.46 -33.68 7.69
N ALA A 569 -16.31 -33.73 8.70
CA ALA A 569 -16.91 -34.99 9.12
C ALA A 569 -17.92 -35.49 8.09
N CYS A 570 -18.82 -34.61 7.64
CA CYS A 570 -19.80 -35.00 6.63
C CYS A 570 -19.12 -35.38 5.33
N GLY A 571 -18.10 -34.62 4.92
CA GLY A 571 -17.55 -34.77 3.60
C GLY A 571 -18.43 -34.22 2.50
N HIS A 572 -19.42 -33.40 2.86
CA HIS A 572 -20.45 -32.94 1.94
C HIS A 572 -20.34 -31.43 1.78
N GLU A 573 -20.33 -30.96 0.54
CA GLU A 573 -20.27 -29.53 0.25
C GLU A 573 -21.65 -28.92 0.47
N ASN A 574 -21.81 -28.18 1.56
CA ASN A 574 -23.08 -27.52 1.84
C ASN A 574 -23.35 -26.41 0.82
N PRO A 575 -24.60 -26.08 0.57
CA PRO A 575 -24.93 -25.01 -0.38
C PRO A 575 -24.53 -23.65 0.17
N ALA A 576 -24.40 -22.69 -0.77
CA ALA A 576 -23.98 -21.34 -0.39
C ALA A 576 -24.99 -20.70 0.56
N ASP A 577 -26.27 -21.02 0.42
CA ASP A 577 -27.28 -20.51 1.33
C ASP A 577 -27.52 -21.50 2.47
N ASP A 578 -26.45 -21.76 3.22
CA ASP A 578 -26.51 -22.57 4.43
C ASP A 578 -26.24 -21.74 5.69
N ARG A 579 -26.52 -20.43 5.63
CA ARG A 579 -26.35 -19.53 6.77
C ARG A 579 -24.89 -19.50 7.24
N TYR A 580 -23.98 -19.31 6.30
CA TYR A 580 -22.57 -19.22 6.66
C TYR A 580 -22.28 -17.96 7.47
N LEU A 581 -23.11 -16.93 7.33
CA LEU A 581 -22.90 -15.69 8.08
C LEU A 581 -22.98 -15.94 9.58
N MET A 582 -23.94 -16.76 10.01
CA MET A 582 -24.03 -17.14 11.40
C MET A 582 -23.33 -18.48 11.63
N GLN A 583 -23.02 -18.75 12.89
CA GLN A 583 -22.39 -20.00 13.28
C GLN A 583 -23.10 -20.58 14.50
N PRO A 584 -23.16 -21.92 14.61
CA PRO A 584 -22.63 -22.93 13.68
C PRO A 584 -23.52 -23.16 12.46
N VAL A 585 -22.97 -23.75 11.41
CA VAL A 585 -23.67 -24.07 10.18
C VAL A 585 -24.10 -25.53 10.22
N LEU A 586 -25.33 -25.80 9.77
CA LEU A 586 -25.89 -27.14 9.80
C LEU A 586 -25.52 -27.89 8.53
N CYS A 587 -24.78 -28.99 8.68
CA CYS A 587 -24.43 -29.81 7.52
C CYS A 587 -25.66 -30.49 6.94
N ASP A 588 -25.72 -30.55 5.61
CA ASP A 588 -26.83 -31.25 4.96
C ASP A 588 -26.66 -32.75 4.99
N GLY A 589 -25.42 -33.24 4.92
CA GLY A 589 -25.20 -34.67 4.86
C GLY A 589 -25.64 -35.41 6.12
N CYS A 590 -25.33 -34.85 7.28
CA CYS A 590 -25.61 -35.52 8.55
C CYS A 590 -26.41 -34.69 9.53
N GLY A 591 -26.81 -33.48 9.16
CA GLY A 591 -27.67 -32.69 10.03
C GLY A 591 -27.03 -32.25 11.32
N ARG A 592 -25.71 -32.18 11.36
CA ARG A 592 -24.98 -31.76 12.55
C ARG A 592 -24.60 -30.29 12.41
N THR A 593 -24.72 -29.55 13.52
CA THR A 593 -24.42 -28.12 13.52
C THR A 593 -22.93 -27.89 13.71
N TYR A 594 -22.17 -28.22 12.67
CA TYR A 594 -20.73 -28.08 12.74
C TYR A 594 -20.33 -26.62 12.65
N ASP A 595 -19.11 -26.32 13.12
CA ASP A 595 -18.54 -24.99 13.05
C ASP A 595 -17.66 -24.88 11.81
N THR A 596 -17.88 -23.82 11.03
CA THR A 596 -17.19 -23.70 9.76
C THR A 596 -15.70 -23.49 9.94
N ASP A 597 -15.31 -22.74 10.96
CA ASP A 597 -13.90 -22.42 11.16
C ASP A 597 -13.09 -23.67 11.48
N LEU A 598 -13.56 -24.47 12.44
CA LEU A 598 -12.86 -25.68 12.83
C LEU A 598 -12.79 -26.67 11.67
N SER A 599 -13.90 -26.82 10.94
CA SER A 599 -13.90 -27.72 9.79
C SER A 599 -12.93 -27.24 8.73
N ALA A 600 -12.85 -25.92 8.52
CA ALA A 600 -11.91 -25.38 7.56
C ALA A 600 -10.48 -25.70 7.96
N THR A 601 -10.16 -25.54 9.25
CA THR A 601 -8.80 -25.86 9.70
C THR A 601 -8.50 -27.34 9.56
N ILE A 602 -9.47 -28.21 9.85
CA ILE A 602 -9.26 -29.65 9.72
C ILE A 602 -8.96 -30.02 8.29
N LEU A 603 -9.79 -29.54 7.35
CA LEU A 603 -9.55 -29.84 5.95
C LEU A 603 -8.26 -29.20 5.47
N MET A 604 -7.87 -28.08 6.08
CA MET A 604 -6.59 -27.45 5.76
C MET A 604 -5.43 -28.35 6.11
N LEU A 605 -5.43 -28.89 7.33
CA LEU A 605 -4.37 -29.81 7.73
C LEU A 605 -4.36 -31.06 6.87
N GLN A 606 -5.55 -31.58 6.55
CA GLN A 606 -5.61 -32.77 5.70
C GLN A 606 -5.02 -32.51 4.33
N ARG A 607 -5.39 -31.38 3.71
CA ARG A 607 -4.88 -31.07 2.38
C ARG A 607 -3.40 -30.74 2.43
N ALA A 608 -2.91 -30.25 3.59
CA ALA A 608 -1.49 -29.99 3.75
C ALA A 608 -0.71 -31.30 3.81
N SER A 609 -1.17 -32.25 4.63
CA SER A 609 -0.48 -33.53 4.73
C SER A 609 -0.53 -34.29 3.42
N ALA A 610 -1.67 -34.25 2.73
CA ALA A 610 -1.79 -34.97 1.47
C ALA A 610 -0.79 -34.47 0.44
N ALA A 611 -0.46 -33.18 0.49
CA ALA A 611 0.51 -32.60 -0.41
C ALA A 611 1.93 -32.90 0.07
#